data_4HJZ
#
_entry.id   4HJZ
#
_cell.length_a   72.013
_cell.length_b   34.322
_cell.length_c   77.516
_cell.angle_alpha   90.000
_cell.angle_beta   105.870
_cell.angle_gamma   90.000
#
_symmetry.space_group_name_H-M   'P 1 21 1'
#
loop_
_entity.id
_entity.type
_entity.pdbx_description
1 polymer 'Endo-type membrane-bound lytic murein transglycosylase A'
2 branched 2-acetamido-2-deoxy-beta-D-glucopyranose-(1-4)-2-acetamido-2-deoxy-beta-D-glucopyranose-(1-4)-2-acetamido-2-deoxy-beta-D-glucopyranose-(1-4)-2-acetamido-2-deoxy-beta-D-glucopyranose-(1-4)-2-acetamido-2-deoxy-beta-D-glucopyranose
3 branched 2-acetamido-2-deoxy-beta-D-glucopyranose-(1-4)-2-acetamido-2-deoxy-beta-D-glucopyranose-(1-4)-2-acetamido-2-deoxy-beta-D-glucopyranose-(1-4)-2-acetamido-2-deoxy-beta-D-glucopyranose
4 non-polymer 'CHLORIDE ION'
5 water water
#
_entity_poly.entity_id   1
_entity_poly.type   'polypeptide(L)'
_entity_poly.pdbx_seq_one_letter_code
;MHHHHHHHHHHGENLYFQGSSKHDYTNPPWNAKVPVQRAMQWMPISQKAGAAWGVDPQLITAIIAIQSGGNPNAVSKSNA
IGLMQLKASTSGRDVYRRMGWSGEPTTSELKNPERNISMGAAYLNILETGPLAGIEDPKVLQYALVVSYANGAGALLRTF
SSDRKKAISKINDLDADEFLEHVARNHPAPQAPRYIYKLEQALDAM
;
_entity_poly.pdbx_strand_id   A,B
#
# COMPACT_ATOMS: atom_id res chain seq x y z
N ASP A 24 22.22 13.34 -29.54
CA ASP A 24 21.96 13.82 -28.19
C ASP A 24 20.50 13.61 -27.81
N TYR A 25 20.28 13.11 -26.61
CA TYR A 25 18.93 12.74 -26.15
C TYR A 25 18.05 13.96 -25.87
N THR A 26 18.58 15.18 -26.00
CA THR A 26 17.78 16.39 -25.84
C THR A 26 17.25 16.91 -27.17
N ASN A 27 17.57 16.25 -28.28
CA ASN A 27 17.06 16.67 -29.58
C ASN A 27 16.06 15.64 -30.10
N PRO A 28 14.93 16.11 -30.67
CA PRO A 28 14.58 17.52 -30.77
C PRO A 28 14.11 18.06 -29.44
N PRO A 29 14.14 19.39 -29.27
CA PRO A 29 13.73 20.02 -28.00
C PRO A 29 12.29 19.68 -27.66
N TRP A 30 11.99 19.62 -26.37
CA TRP A 30 10.65 19.30 -25.93
C TRP A 30 10.08 20.46 -25.09
N ASN A 31 9.04 21.09 -25.61
CA ASN A 31 8.36 22.15 -24.89
C ASN A 31 7.31 21.57 -23.93
N ALA A 32 7.42 21.93 -22.65
CA ALA A 32 6.58 21.31 -21.61
C ALA A 32 5.32 22.10 -21.32
N LYS A 33 5.23 23.33 -21.80
CA LYS A 33 4.21 24.24 -21.29
C LYS A 33 2.80 23.70 -21.45
N VAL A 34 2.49 23.19 -22.62
CA VAL A 34 1.16 22.68 -22.88
C VAL A 34 0.93 21.33 -22.18
N PRO A 35 1.85 20.37 -22.36
CA PRO A 35 1.63 19.08 -21.69
C PRO A 35 1.44 19.29 -20.21
N VAL A 36 2.26 20.15 -19.62
CA VAL A 36 2.16 20.42 -18.18
C VAL A 36 0.85 21.13 -17.83
N GLN A 37 0.45 22.12 -18.63
CA GLN A 37 -0.84 22.78 -18.42
C GLN A 37 -1.97 21.76 -18.36
N ARG A 38 -1.99 20.84 -19.32
CA ARG A 38 -3.03 19.82 -19.34
C ARG A 38 -2.90 18.82 -18.19
N ALA A 39 -1.67 18.44 -17.89
CA ALA A 39 -1.36 17.57 -16.76
C ALA A 39 -1.92 18.20 -15.50
N MET A 40 -1.78 19.52 -15.41
CA MET A 40 -2.11 20.25 -14.19
C MET A 40 -3.60 20.14 -13.85
N GLN A 41 -4.43 19.89 -14.85
CA GLN A 41 -5.87 19.73 -14.61
C GLN A 41 -6.13 18.53 -13.69
N TRP A 42 -5.21 17.58 -13.65
CA TRP A 42 -5.36 16.38 -12.79
C TRP A 42 -4.75 16.50 -11.41
N MET A 43 -4.26 17.69 -11.06
CA MET A 43 -3.53 17.85 -9.80
C MET A 43 -4.30 17.37 -8.56
N PRO A 44 -5.61 17.64 -8.48
CA PRO A 44 -6.29 17.18 -7.26
C PRO A 44 -6.25 15.66 -7.11
N ILE A 45 -6.23 14.92 -8.22
CA ILE A 45 -6.12 13.46 -8.13
C ILE A 45 -4.68 13.06 -7.79
N SER A 46 -3.74 13.71 -8.44
CA SER A 46 -2.34 13.44 -8.18
C SER A 46 -1.95 13.71 -6.71
N GLN A 47 -2.55 14.75 -6.11
CA GLN A 47 -2.36 15.02 -4.68
C GLN A 47 -2.89 13.89 -3.79
N LYS A 48 -4.11 13.45 -4.09
CA LYS A 48 -4.72 12.33 -3.38
C LYS A 48 -3.85 11.08 -3.52
N ALA A 49 -3.48 10.74 -4.75
CA ALA A 49 -2.69 9.53 -4.98
C ALA A 49 -1.33 9.63 -4.30
N GLY A 50 -0.74 10.82 -4.39
CA GLY A 50 0.59 11.06 -3.86
C GLY A 50 0.65 10.95 -2.35
N ALA A 51 -0.38 11.48 -1.70
CA ALA A 51 -0.47 11.47 -0.25
C ALA A 51 -0.63 10.02 0.22
N ALA A 52 -1.46 9.27 -0.49
CA ALA A 52 -1.70 7.87 -0.20
C ALA A 52 -0.41 7.04 -0.24
N TRP A 53 0.42 7.29 -1.25
CA TRP A 53 1.54 6.39 -1.53
C TRP A 53 2.89 6.96 -1.18
N GLY A 54 2.92 8.17 -0.62
CA GLY A 54 4.16 8.82 -0.25
C GLY A 54 4.99 9.22 -1.46
N VAL A 55 4.33 9.89 -2.40
CA VAL A 55 4.96 10.28 -3.66
C VAL A 55 4.64 11.75 -3.98
N ASP A 56 5.64 12.44 -4.49
CA ASP A 56 5.49 13.88 -4.75
C ASP A 56 4.46 14.08 -5.85
N PRO A 57 3.41 14.88 -5.57
CA PRO A 57 2.38 15.12 -6.61
C PRO A 57 2.92 15.88 -7.83
N GLN A 58 4.02 16.62 -7.67
CA GLN A 58 4.62 17.29 -8.80
C GLN A 58 5.37 16.24 -9.63
N LEU A 59 5.92 15.23 -8.96
CA LEU A 59 6.64 14.21 -9.71
C LEU A 59 5.60 13.48 -10.54
N ILE A 60 4.43 13.23 -9.95
CA ILE A 60 3.36 12.55 -10.69
C ILE A 60 2.90 13.35 -11.91
N THR A 61 2.68 14.63 -11.69
CA THR A 61 2.24 15.53 -12.75
C THR A 61 3.22 15.60 -13.93
N ALA A 62 4.51 15.62 -13.61
CA ALA A 62 5.53 15.68 -14.61
C ALA A 62 5.46 14.40 -15.45
N ILE A 63 5.20 13.27 -14.80
CA ILE A 63 5.13 12.00 -15.52
C ILE A 63 3.89 11.98 -16.42
N ILE A 64 2.80 12.55 -15.91
CA ILE A 64 1.57 12.67 -16.70
C ILE A 64 1.86 13.47 -17.96
N ALA A 65 2.50 14.61 -17.77
CA ALA A 65 2.83 15.50 -18.87
C ALA A 65 3.73 14.79 -19.90
N ILE A 66 4.79 14.13 -19.45
CA ILE A 66 5.72 13.51 -20.41
C ILE A 66 5.09 12.35 -21.17
N GLN A 67 4.26 11.57 -20.50
CA GLN A 67 3.81 10.29 -21.03
C GLN A 67 2.52 10.36 -21.82
N SER A 68 1.52 11.09 -21.31
CA SER A 68 0.26 11.23 -22.07
C SER A 68 -0.06 12.68 -22.47
N GLY A 69 0.75 13.64 -22.06
CA GLY A 69 0.42 15.04 -22.21
C GLY A 69 -0.94 15.39 -21.60
N GLY A 70 -1.40 14.59 -20.65
CA GLY A 70 -2.67 14.85 -19.98
C GLY A 70 -3.92 14.31 -20.67
N ASN A 71 -3.73 13.46 -21.67
CA ASN A 71 -4.87 12.79 -22.31
C ASN A 71 -5.21 11.47 -21.62
N PRO A 72 -6.34 11.44 -20.90
CA PRO A 72 -6.65 10.26 -20.08
C PRO A 72 -7.01 9.01 -20.87
N ASN A 73 -7.29 9.19 -22.15
CA ASN A 73 -7.71 8.07 -23.02
C ASN A 73 -6.59 7.57 -23.94
N ALA A 74 -5.36 8.06 -23.77
CA ALA A 74 -4.24 7.74 -24.66
C ALA A 74 -3.83 6.30 -24.54
N VAL A 75 -3.57 5.66 -25.67
CA VAL A 75 -3.15 4.27 -25.70
C VAL A 75 -1.95 4.09 -26.65
N SER A 76 -0.78 3.73 -26.12
CA SER A 76 0.42 3.64 -26.96
C SER A 76 0.39 2.39 -27.84
N LYS A 77 1.31 2.33 -28.81
CA LYS A 77 1.38 1.17 -29.70
C LYS A 77 1.70 -0.09 -28.91
N SER A 78 2.23 0.05 -27.70
CA SER A 78 2.54 -1.11 -26.89
C SER A 78 1.54 -1.28 -25.74
N ASN A 79 0.37 -0.66 -25.87
CA ASN A 79 -0.71 -0.83 -24.89
C ASN A 79 -0.39 -0.28 -23.50
N ALA A 80 0.42 0.76 -23.46
CA ALA A 80 0.51 1.60 -22.28
C ALA A 80 -0.70 2.51 -22.32
N ILE A 81 -1.44 2.53 -21.21
CA ILE A 81 -2.75 3.17 -21.15
C ILE A 81 -2.86 4.33 -20.17
N GLY A 82 -3.53 5.40 -20.61
CA GLY A 82 -4.01 6.44 -19.72
C GLY A 82 -3.00 7.49 -19.34
N LEU A 83 -3.34 8.28 -18.32
CA LEU A 83 -2.59 9.48 -17.98
C LEU A 83 -1.13 9.19 -17.70
N MET A 84 -0.85 8.13 -16.96
CA MET A 84 0.54 7.81 -16.64
C MET A 84 1.06 6.64 -17.47
N GLN A 85 0.34 6.30 -18.51
CA GLN A 85 0.78 5.27 -19.45
C GLN A 85 1.29 4.02 -18.75
N LEU A 86 0.40 3.34 -18.03
CA LEU A 86 0.70 2.06 -17.38
C LEU A 86 0.48 0.87 -18.33
N LYS A 87 1.37 -0.12 -18.30
CA LYS A 87 1.11 -1.37 -19.04
C LYS A 87 0.57 -2.39 -18.05
N ALA A 88 -0.61 -2.93 -18.31
CA ALA A 88 -1.22 -3.85 -17.34
C ALA A 88 -0.29 -5.04 -17.05
N SER A 89 0.40 -5.54 -18.07
CA SER A 89 1.20 -6.76 -17.93
C SER A 89 2.48 -6.53 -17.11
N THR A 90 2.90 -5.27 -16.95
CA THR A 90 4.06 -4.99 -16.13
C THR A 90 3.71 -4.22 -14.86
N SER A 91 3.53 -2.91 -14.96
CA SER A 91 3.20 -2.11 -13.77
C SER A 91 1.85 -2.49 -13.19
N GLY A 92 0.91 -2.81 -14.05
CA GLY A 92 -0.42 -3.16 -13.58
C GLY A 92 -0.36 -4.39 -12.71
N ARG A 93 0.40 -5.37 -13.14
CA ARG A 93 0.53 -6.62 -12.39
C ARG A 93 1.24 -6.36 -11.07
N ASP A 94 2.32 -5.58 -11.09
CA ASP A 94 3.07 -5.29 -9.88
C ASP A 94 2.21 -4.55 -8.84
N VAL A 95 1.35 -3.65 -9.29
CA VAL A 95 0.51 -2.94 -8.35
C VAL A 95 -0.58 -3.88 -7.79
N TYR A 96 -1.21 -4.66 -8.65
CA TYR A 96 -2.17 -5.63 -8.15
C TYR A 96 -1.50 -6.54 -7.11
N ARG A 97 -0.30 -7.01 -7.40
CA ARG A 97 0.41 -7.84 -6.45
C ARG A 97 0.57 -7.10 -5.12
N ARG A 98 0.95 -5.83 -5.20
CA ARG A 98 1.22 -5.04 -4.01
C ARG A 98 -0.07 -4.87 -3.18
N MET A 99 -1.21 -4.87 -3.84
N MET A 99 -1.21 -4.89 -3.84
CA MET A 99 -2.48 -4.74 -3.13
CA MET A 99 -2.50 -4.76 -3.16
C MET A 99 -2.92 -6.05 -2.50
C MET A 99 -2.90 -6.05 -2.47
N GLY A 100 -2.26 -7.15 -2.87
CA GLY A 100 -2.65 -8.46 -2.39
C GLY A 100 -3.60 -9.14 -3.37
N TRP A 101 -3.54 -8.76 -4.65
CA TRP A 101 -4.52 -9.25 -5.63
C TRP A 101 -3.90 -10.12 -6.72
N SER A 102 -4.70 -11.00 -7.28
CA SER A 102 -4.31 -11.74 -8.48
C SER A 102 -4.58 -10.96 -9.75
N GLY A 103 -3.89 -11.33 -10.81
CA GLY A 103 -4.16 -10.78 -12.12
C GLY A 103 -3.68 -9.37 -12.37
N GLU A 104 -4.35 -8.75 -13.32
CA GLU A 104 -3.94 -7.49 -13.90
C GLU A 104 -5.20 -6.68 -14.10
N PRO A 105 -5.09 -5.34 -14.02
CA PRO A 105 -6.19 -4.41 -14.29
C PRO A 105 -6.64 -4.44 -15.74
N THR A 106 -7.91 -4.11 -15.95
CA THR A 106 -8.48 -4.06 -17.30
C THR A 106 -8.03 -2.79 -17.99
N THR A 107 -8.20 -2.75 -19.31
CA THR A 107 -7.94 -1.53 -20.05
C THR A 107 -8.88 -0.40 -19.64
N SER A 108 -10.16 -0.71 -19.40
CA SER A 108 -11.07 0.34 -18.94
C SER A 108 -10.66 0.90 -17.54
N GLU A 109 -10.21 0.05 -16.63
CA GLU A 109 -9.73 0.60 -15.35
C GLU A 109 -8.52 1.50 -15.55
N LEU A 110 -7.57 1.10 -16.39
CA LEU A 110 -6.42 1.95 -16.65
C LEU A 110 -6.76 3.28 -17.37
N LYS A 111 -7.91 3.35 -18.03
CA LYS A 111 -8.32 4.61 -18.66
C LYS A 111 -8.96 5.56 -17.66
N ASN A 112 -9.47 5.02 -16.56
CA ASN A 112 -10.09 5.87 -15.53
C ASN A 112 -9.04 6.77 -14.88
N PRO A 113 -9.26 8.09 -14.92
CA PRO A 113 -8.21 8.97 -14.37
C PRO A 113 -7.78 8.63 -12.92
N GLU A 114 -8.73 8.51 -11.99
CA GLU A 114 -8.36 8.26 -10.61
C GLU A 114 -7.62 6.92 -10.41
N ARG A 115 -8.13 5.87 -11.04
CA ARG A 115 -7.52 4.57 -10.87
C ARG A 115 -6.15 4.54 -11.55
N ASN A 116 -6.03 5.22 -12.69
CA ASN A 116 -4.76 5.32 -13.40
C ASN A 116 -3.67 6.03 -12.56
N ILE A 117 -3.99 7.20 -12.01
CA ILE A 117 -3.01 7.98 -11.26
C ILE A 117 -2.67 7.27 -9.95
N SER A 118 -3.67 6.70 -9.30
CA SER A 118 -3.42 5.97 -8.07
C SER A 118 -2.48 4.79 -8.33
N MET A 119 -2.67 4.08 -9.43
CA MET A 119 -1.77 2.97 -9.71
C MET A 119 -0.37 3.41 -10.15
N GLY A 120 -0.28 4.50 -10.88
CA GLY A 120 1.02 5.03 -11.25
C GLY A 120 1.81 5.47 -10.02
N ALA A 121 1.11 6.11 -9.07
CA ALA A 121 1.70 6.52 -7.81
C ALA A 121 2.15 5.27 -7.03
N ALA A 122 1.30 4.25 -7.01
CA ALA A 122 1.65 3.01 -6.31
C ALA A 122 2.90 2.37 -6.94
N TYR A 123 2.98 2.40 -8.27
CA TYR A 123 4.13 1.82 -8.96
C TYR A 123 5.41 2.57 -8.60
N LEU A 124 5.35 3.90 -8.53
CA LEU A 124 6.49 4.70 -8.13
C LEU A 124 6.95 4.31 -6.73
N ASN A 125 6.01 4.11 -5.81
CA ASN A 125 6.35 3.69 -4.44
C ASN A 125 6.91 2.27 -4.43
N ILE A 126 6.32 1.38 -5.22
CA ILE A 126 6.86 0.03 -5.37
C ILE A 126 8.31 0.06 -5.83
N LEU A 127 8.62 0.88 -6.83
CA LEU A 127 10.00 1.00 -7.30
C LEU A 127 10.94 1.51 -6.21
N GLU A 128 10.49 2.53 -5.48
CA GLU A 128 11.33 3.13 -4.45
C GLU A 128 11.64 2.14 -3.36
N THR A 129 10.64 1.34 -2.98
CA THR A 129 10.77 0.45 -1.82
C THR A 129 11.33 -0.92 -2.18
N GLY A 130 11.36 -1.24 -3.46
CA GLY A 130 11.84 -2.54 -3.91
C GLY A 130 13.20 -2.44 -4.57
N PRO A 131 13.22 -2.48 -5.90
CA PRO A 131 14.47 -2.43 -6.66
C PRO A 131 15.37 -1.22 -6.35
N LEU A 132 14.80 -0.03 -6.15
CA LEU A 132 15.64 1.16 -5.95
C LEU A 132 15.92 1.47 -4.49
N ALA A 133 15.57 0.55 -3.59
CA ALA A 133 15.76 0.78 -2.16
C ALA A 133 17.24 0.99 -1.88
N GLY A 134 17.55 2.02 -1.10
CA GLY A 134 18.92 2.29 -0.70
C GLY A 134 19.56 3.48 -1.36
N ILE A 135 18.90 4.07 -2.36
CA ILE A 135 19.48 5.22 -3.04
C ILE A 135 19.38 6.44 -2.15
N GLU A 136 20.52 6.99 -1.77
CA GLU A 136 20.60 7.99 -0.72
C GLU A 136 20.23 9.40 -1.21
N ASP A 137 20.84 9.83 -2.31
CA ASP A 137 20.63 11.18 -2.85
C ASP A 137 19.21 11.31 -3.35
N PRO A 138 18.46 12.31 -2.86
CA PRO A 138 17.06 12.42 -3.31
C PRO A 138 16.90 12.72 -4.82
N LYS A 139 17.81 13.51 -5.39
CA LYS A 139 17.77 13.81 -6.83
C LYS A 139 18.16 12.62 -7.70
N VAL A 140 19.16 11.87 -7.26
CA VAL A 140 19.53 10.64 -7.93
C VAL A 140 18.34 9.68 -7.89
N LEU A 141 17.73 9.54 -6.72
CA LEU A 141 16.57 8.68 -6.59
C LEU A 141 15.46 9.15 -7.53
N GLN A 142 15.24 10.46 -7.59
CA GLN A 142 14.20 10.97 -8.49
C GLN A 142 14.50 10.53 -9.94
N TYR A 143 15.75 10.73 -10.37
CA TYR A 143 16.15 10.33 -11.71
C TYR A 143 16.03 8.82 -11.94
N ALA A 144 16.44 8.03 -10.96
CA ALA A 144 16.33 6.58 -11.08
C ALA A 144 14.85 6.18 -11.18
N LEU A 145 13.98 6.85 -10.43
CA LEU A 145 12.56 6.52 -10.47
C LEU A 145 12.01 6.75 -11.87
N VAL A 146 12.35 7.88 -12.49
CA VAL A 146 11.75 8.18 -13.79
C VAL A 146 12.32 7.23 -14.84
N VAL A 147 13.61 6.94 -14.78
CA VAL A 147 14.17 6.04 -15.77
C VAL A 147 13.64 4.60 -15.62
N SER A 148 13.46 4.17 -14.36
CA SER A 148 12.89 2.86 -14.06
C SER A 148 11.41 2.77 -14.43
N TYR A 149 10.71 3.84 -14.14
CA TYR A 149 9.30 3.93 -14.49
C TYR A 149 9.14 3.77 -16.00
N ALA A 150 10.01 4.44 -16.75
CA ALA A 150 9.90 4.49 -18.21
C ALA A 150 10.46 3.26 -18.93
N ASN A 151 11.59 2.75 -18.44
CA ASN A 151 12.31 1.69 -19.11
C ASN A 151 12.61 0.49 -18.24
N GLY A 152 12.15 0.55 -16.98
CA GLY A 152 12.21 -0.61 -16.11
C GLY A 152 13.39 -0.56 -15.17
N ALA A 153 13.15 -0.93 -13.93
CA ALA A 153 14.21 -0.97 -12.92
C ALA A 153 15.29 -2.01 -13.27
N GLY A 154 14.88 -3.15 -13.79
CA GLY A 154 15.84 -4.17 -14.15
C GLY A 154 16.87 -3.64 -15.15
N ALA A 155 16.39 -2.93 -16.17
CA ALA A 155 17.27 -2.37 -17.20
C ALA A 155 18.22 -1.34 -16.62
N LEU A 156 17.71 -0.50 -15.72
CA LEU A 156 18.54 0.53 -15.11
C LEU A 156 19.63 -0.12 -14.29
N LEU A 157 19.25 -1.06 -13.42
CA LEU A 157 20.20 -1.70 -12.53
C LEU A 157 21.27 -2.45 -13.32
N ARG A 158 20.87 -3.10 -14.40
CA ARG A 158 21.85 -3.84 -15.21
C ARG A 158 22.94 -2.97 -15.83
N THR A 159 22.71 -1.67 -15.98
CA THR A 159 23.77 -0.80 -16.48
C THR A 159 24.86 -0.58 -15.43
N PHE A 160 24.62 -0.99 -14.17
CA PHE A 160 25.63 -0.92 -13.11
C PHE A 160 26.20 -2.27 -12.65
N SER A 161 25.33 -3.25 -12.46
CA SER A 161 25.77 -4.57 -11.99
C SER A 161 24.67 -5.59 -12.18
N SER A 162 25.04 -6.87 -12.22
CA SER A 162 24.04 -7.95 -12.22
C SER A 162 23.51 -8.18 -10.81
N ASP A 163 24.24 -7.71 -9.81
CA ASP A 163 23.83 -7.85 -8.41
C ASP A 163 23.07 -6.58 -8.05
N ARG A 164 21.81 -6.71 -7.60
CA ARG A 164 20.96 -5.56 -7.34
CA ARG A 164 20.96 -5.54 -7.36
C ARG A 164 21.60 -4.56 -6.37
N LYS A 165 22.07 -5.05 -5.24
CA LYS A 165 22.63 -4.14 -4.23
C LYS A 165 24.04 -3.64 -4.47
N LYS A 166 24.81 -4.35 -5.27
CA LYS A 166 26.06 -3.76 -5.75
C LYS A 166 25.74 -2.63 -6.72
N ALA A 167 24.69 -2.80 -7.53
CA ALA A 167 24.24 -1.79 -8.46
C ALA A 167 23.90 -0.55 -7.69
N ILE A 168 23.14 -0.72 -6.61
CA ILE A 168 22.77 0.38 -5.75
C ILE A 168 24.01 1.03 -5.12
N SER A 169 24.95 0.22 -4.68
CA SER A 169 26.18 0.76 -4.13
C SER A 169 26.88 1.66 -5.15
N LYS A 170 26.93 1.20 -6.41
CA LYS A 170 27.53 1.98 -7.50
C LYS A 170 26.81 3.27 -7.81
N ILE A 171 25.47 3.23 -7.78
CA ILE A 171 24.64 4.38 -8.02
C ILE A 171 24.93 5.44 -6.98
N ASN A 172 25.11 4.98 -5.75
CA ASN A 172 25.32 5.87 -4.61
C ASN A 172 26.70 6.57 -4.65
N ASP A 173 27.60 6.12 -5.52
CA ASP A 173 28.88 6.81 -5.70
C ASP A 173 28.70 8.06 -6.54
N LEU A 174 27.54 8.17 -7.20
CA LEU A 174 27.31 9.22 -8.19
C LEU A 174 26.39 10.33 -7.70
N ASP A 175 26.58 11.53 -8.26
CA ASP A 175 25.59 12.58 -8.10
C ASP A 175 24.64 12.50 -9.28
N ALA A 176 23.61 13.33 -9.23
CA ALA A 176 22.50 13.26 -10.19
C ALA A 176 22.99 13.52 -11.59
N ASP A 177 23.97 14.38 -11.75
CA ASP A 177 24.49 14.68 -13.08
C ASP A 177 25.31 13.50 -13.64
N GLU A 178 26.09 12.87 -12.76
CA GLU A 178 26.88 11.69 -13.16
C GLU A 178 25.95 10.54 -13.48
N PHE A 179 24.89 10.43 -12.70
CA PHE A 179 23.92 9.38 -12.86
C PHE A 179 23.29 9.47 -14.25
N LEU A 180 22.89 10.67 -14.65
CA LEU A 180 22.31 10.87 -15.97
C LEU A 180 23.36 10.50 -17.05
N GLU A 181 24.60 10.91 -16.83
CA GLU A 181 25.67 10.64 -17.80
C GLU A 181 25.87 9.14 -18.00
N HIS A 182 25.80 8.39 -16.90
CA HIS A 182 25.97 6.93 -16.92
C HIS A 182 24.82 6.29 -17.70
N VAL A 183 23.60 6.74 -17.46
CA VAL A 183 22.43 6.24 -18.18
C VAL A 183 22.58 6.49 -19.68
N ALA A 184 22.87 7.73 -20.07
CA ALA A 184 23.06 8.03 -21.48
C ALA A 184 24.16 7.17 -22.09
N ARG A 185 25.19 6.85 -21.32
CA ARG A 185 26.32 6.10 -21.86
C ARG A 185 26.14 4.58 -21.94
N ASN A 186 25.34 4.02 -21.05
CA ASN A 186 25.25 2.56 -20.88
C ASN A 186 23.86 1.95 -21.19
N HIS A 187 22.80 2.72 -21.05
CA HIS A 187 21.43 2.18 -21.20
C HIS A 187 21.15 1.78 -22.66
N PRO A 188 20.73 0.54 -22.88
CA PRO A 188 20.51 0.07 -24.26
C PRO A 188 19.35 0.75 -24.99
N ALA A 189 18.36 1.28 -24.28
CA ALA A 189 17.30 2.09 -24.89
C ALA A 189 17.71 3.57 -25.02
N PRO A 190 17.86 4.05 -26.26
CA PRO A 190 18.23 5.47 -26.44
C PRO A 190 17.29 6.47 -25.74
N GLN A 191 16.03 6.10 -25.54
CA GLN A 191 15.08 7.03 -24.97
C GLN A 191 15.29 7.26 -23.49
N ALA A 192 16.02 6.34 -22.84
CA ALA A 192 16.17 6.35 -21.38
C ALA A 192 16.60 7.70 -20.76
N PRO A 193 17.69 8.31 -21.25
CA PRO A 193 18.11 9.61 -20.71
C PRO A 193 17.23 10.74 -21.21
N ARG A 194 16.55 10.56 -22.34
CA ARG A 194 15.62 11.57 -22.81
C ARG A 194 14.49 11.80 -21.79
N TYR A 195 14.08 10.75 -21.08
CA TYR A 195 13.05 10.89 -20.05
C TYR A 195 13.48 11.84 -18.93
N ILE A 196 14.76 11.78 -18.54
CA ILE A 196 15.31 12.75 -17.59
C ILE A 196 15.35 14.18 -18.15
N TYR A 197 15.74 14.32 -19.42
CA TYR A 197 15.71 15.64 -20.04
C TYR A 197 14.29 16.24 -19.98
N LYS A 198 13.28 15.47 -20.37
CA LYS A 198 11.90 15.94 -20.35
C LYS A 198 11.41 16.15 -18.91
N LEU A 199 11.85 15.30 -17.99
CA LEU A 199 11.51 15.49 -16.59
C LEU A 199 11.87 16.91 -16.13
N GLU A 200 13.09 17.35 -16.43
CA GLU A 200 13.56 18.67 -16.04
C GLU A 200 12.79 19.77 -16.77
N GLN A 201 12.52 19.54 -18.05
CA GLN A 201 11.70 20.47 -18.82
C GLN A 201 10.35 20.67 -18.12
N ALA A 202 9.72 19.56 -17.74
CA ALA A 202 8.42 19.62 -17.06
C ALA A 202 8.53 20.33 -15.70
N LEU A 203 9.51 19.94 -14.90
CA LEU A 203 9.68 20.57 -13.59
C LEU A 203 9.91 22.07 -13.72
N ASP A 204 10.62 22.49 -14.77
CA ASP A 204 10.86 23.91 -14.98
C ASP A 204 9.59 24.68 -15.32
N ALA A 205 8.61 24.03 -15.94
CA ALA A 205 7.38 24.71 -16.35
C ALA A 205 6.39 24.84 -15.20
N MET A 206 6.72 24.19 -14.09
CA MET A 206 5.84 24.16 -12.92
C MET A 206 6.37 25.08 -11.83
N ASP B 24 -16.74 -11.79 33.51
CA ASP B 24 -15.35 -11.81 33.04
C ASP B 24 -15.31 -12.08 31.54
N TYR B 25 -14.44 -11.37 30.84
CA TYR B 25 -14.39 -11.41 29.38
C TYR B 25 -13.88 -12.75 28.83
N THR B 26 -13.56 -13.71 29.70
CA THR B 26 -13.19 -15.04 29.21
C THR B 26 -14.41 -15.95 29.24
N ASN B 27 -15.53 -15.43 29.71
CA ASN B 27 -16.76 -16.21 29.81
C ASN B 27 -17.80 -15.74 28.79
N PRO B 28 -18.46 -16.70 28.13
CA PRO B 28 -18.19 -18.14 28.24
C PRO B 28 -16.95 -18.55 27.44
N PRO B 29 -16.39 -19.71 27.73
CA PRO B 29 -15.20 -20.15 27.00
C PRO B 29 -15.41 -20.28 25.49
N TRP B 30 -14.33 -20.09 24.73
CA TRP B 30 -14.35 -20.19 23.28
C TRP B 30 -13.33 -21.22 22.78
N ASN B 31 -13.82 -22.30 22.19
CA ASN B 31 -12.96 -23.34 21.62
C ASN B 31 -12.56 -22.93 20.20
N ALA B 32 -11.26 -22.88 19.94
CA ALA B 32 -10.79 -22.33 18.68
C ALA B 32 -10.63 -23.39 17.60
N LYS B 33 -10.69 -24.67 17.98
CA LYS B 33 -10.24 -25.72 17.06
C LYS B 33 -10.93 -25.64 15.70
N VAL B 34 -12.26 -25.57 15.73
CA VAL B 34 -13.01 -25.59 14.49
C VAL B 34 -12.88 -24.27 13.73
N PRO B 35 -13.08 -23.13 14.42
CA PRO B 35 -12.93 -21.83 13.76
C PRO B 35 -11.54 -21.70 13.11
N VAL B 36 -10.48 -22.15 13.79
CA VAL B 36 -9.14 -22.10 13.24
C VAL B 36 -9.00 -23.08 12.07
N GLN B 37 -9.57 -24.27 12.19
CA GLN B 37 -9.56 -25.26 11.08
C GLN B 37 -10.11 -24.66 9.77
N ARG B 38 -11.25 -23.99 9.88
CA ARG B 38 -11.89 -23.37 8.74
C ARG B 38 -11.10 -22.16 8.26
N ALA B 39 -10.61 -21.37 9.20
CA ALA B 39 -9.79 -20.21 8.90
C ALA B 39 -8.60 -20.65 8.06
N MET B 40 -8.02 -21.78 8.44
CA MET B 40 -6.78 -22.22 7.80
C MET B 40 -6.97 -22.58 6.31
N GLN B 41 -8.18 -22.88 5.89
CA GLN B 41 -8.41 -23.21 4.47
C GLN B 41 -8.06 -21.99 3.61
N TRP B 42 -8.11 -20.81 4.21
CA TRP B 42 -7.78 -19.58 3.47
C TRP B 42 -6.29 -19.20 3.55
N MET B 43 -5.44 -20.04 4.17
CA MET B 43 -4.05 -19.63 4.42
C MET B 43 -3.29 -19.15 3.18
N PRO B 44 -3.45 -19.80 2.02
CA PRO B 44 -2.67 -19.33 0.87
C PRO B 44 -3.01 -17.89 0.47
N ILE B 45 -4.25 -17.47 0.68
CA ILE B 45 -4.63 -16.09 0.40
C ILE B 45 -4.07 -15.19 1.48
N SER B 46 -4.17 -15.64 2.73
CA SER B 46 -3.68 -14.84 3.84
C SER B 46 -2.19 -14.59 3.72
N GLN B 47 -1.47 -15.59 3.20
CA GLN B 47 -0.04 -15.42 2.94
C GLN B 47 0.25 -14.35 1.87
N LYS B 48 -0.48 -14.40 0.75
CA LYS B 48 -0.32 -13.38 -0.30
C LYS B 48 -0.64 -11.96 0.22
N ALA B 49 -1.77 -11.85 0.89
CA ALA B 49 -2.19 -10.57 1.44
C ALA B 49 -1.19 -10.10 2.50
N GLY B 50 -0.72 -11.00 3.38
CA GLY B 50 0.23 -10.64 4.43
C GLY B 50 1.59 -10.19 3.89
N ALA B 51 2.06 -10.88 2.87
CA ALA B 51 3.32 -10.54 2.23
C ALA B 51 3.22 -9.16 1.56
N ALA B 52 2.10 -8.88 0.89
CA ALA B 52 1.89 -7.61 0.21
C ALA B 52 1.95 -6.43 1.18
N TRP B 53 1.35 -6.62 2.35
CA TRP B 53 1.11 -5.53 3.29
C TRP B 53 1.99 -5.55 4.52
N GLY B 54 2.84 -6.58 4.65
CA GLY B 54 3.73 -6.69 5.80
C GLY B 54 3.01 -7.04 7.10
N VAL B 55 2.17 -8.06 7.02
CA VAL B 55 1.32 -8.52 8.12
C VAL B 55 1.52 -10.03 8.26
N ASP B 56 1.57 -10.51 9.49
CA ASP B 56 1.77 -11.93 9.75
C ASP B 56 0.51 -12.70 9.30
N PRO B 57 0.65 -13.66 8.37
CA PRO B 57 -0.52 -14.39 7.89
C PRO B 57 -1.19 -15.22 9.01
N GLN B 58 -0.46 -15.49 10.09
CA GLN B 58 -1.09 -16.20 11.20
C GLN B 58 -1.98 -15.23 11.99
N LEU B 59 -1.60 -13.96 12.04
CA LEU B 59 -2.43 -12.99 12.72
C LEU B 59 -3.72 -12.80 11.93
N ILE B 60 -3.59 -12.75 10.60
CA ILE B 60 -4.74 -12.65 9.73
C ILE B 60 -5.65 -13.85 9.91
N THR B 61 -5.06 -15.03 9.93
CA THR B 61 -5.82 -16.26 10.12
C THR B 61 -6.61 -16.28 11.44
N ALA B 62 -6.00 -15.76 12.49
CA ALA B 62 -6.62 -15.74 13.77
C ALA B 62 -7.80 -14.80 13.73
N ILE B 63 -7.67 -13.69 13.01
CA ILE B 63 -8.74 -12.71 12.93
C ILE B 63 -9.90 -13.32 12.15
N ILE B 64 -9.56 -14.10 11.14
CA ILE B 64 -10.56 -14.82 10.37
C ILE B 64 -11.33 -15.76 11.31
N ALA B 65 -10.60 -16.54 12.08
CA ALA B 65 -11.22 -17.49 12.98
C ALA B 65 -12.13 -16.77 13.97
N ILE B 66 -11.62 -15.72 14.62
CA ILE B 66 -12.38 -15.04 15.67
C ILE B 66 -13.63 -14.36 15.12
N GLN B 67 -13.52 -13.74 13.95
CA GLN B 67 -14.54 -12.84 13.44
C GLN B 67 -15.61 -13.52 12.63
N SER B 68 -15.24 -14.42 11.72
CA SER B 68 -16.23 -15.07 10.87
C SER B 68 -16.28 -16.58 11.08
N GLY B 69 -15.37 -17.08 11.91
CA GLY B 69 -15.17 -18.51 12.03
C GLY B 69 -14.84 -19.15 10.70
N GLY B 70 -14.34 -18.36 9.74
CA GLY B 70 -13.97 -18.90 8.43
C GLY B 70 -15.09 -18.98 7.42
N ASN B 71 -16.21 -18.35 7.72
CA ASN B 71 -17.32 -18.27 6.78
CA ASN B 71 -17.34 -18.26 6.80
C ASN B 71 -17.20 -17.05 5.90
N PRO B 72 -16.91 -17.25 4.61
CA PRO B 72 -16.67 -16.06 3.77
C PRO B 72 -17.92 -15.25 3.40
N ASN B 73 -19.10 -15.81 3.66
CA ASN B 73 -20.36 -15.14 3.30
C ASN B 73 -21.07 -14.51 4.50
N ALA B 74 -20.44 -14.55 5.66
CA ALA B 74 -21.08 -14.08 6.88
C ALA B 74 -21.27 -12.58 6.86
N VAL B 75 -22.46 -12.11 7.20
CA VAL B 75 -22.74 -10.69 7.25
C VAL B 75 -23.42 -10.33 8.57
N SER B 76 -22.75 -9.55 9.42
CA SER B 76 -23.28 -9.25 10.75
C SER B 76 -24.45 -8.27 10.73
N LYS B 77 -25.12 -8.15 11.88
CA LYS B 77 -26.22 -7.22 12.04
C LYS B 77 -25.78 -5.78 11.81
N SER B 78 -24.47 -5.52 11.92
CA SER B 78 -23.93 -4.18 11.72
C SER B 78 -23.26 -4.05 10.38
N ASN B 79 -23.52 -5.01 9.50
CA ASN B 79 -23.02 -4.96 8.15
C ASN B 79 -21.50 -5.14 8.03
N ALA B 80 -20.91 -5.83 8.99
CA ALA B 80 -19.55 -6.32 8.84
C ALA B 80 -19.62 -7.57 7.97
N ILE B 81 -18.81 -7.58 6.90
CA ILE B 81 -18.91 -8.54 5.81
C ILE B 81 -17.68 -9.45 5.64
N GLY B 82 -17.91 -10.73 5.44
CA GLY B 82 -16.88 -11.63 4.98
C GLY B 82 -15.91 -12.17 6.01
N LEU B 83 -14.82 -12.74 5.52
CA LEU B 83 -13.94 -13.54 6.36
C LEU B 83 -13.36 -12.73 7.51
N MET B 84 -12.94 -11.48 7.26
CA MET B 84 -12.36 -10.63 8.30
C MET B 84 -13.36 -9.57 8.79
N GLN B 85 -14.63 -9.78 8.46
CA GLN B 85 -15.71 -8.91 8.91
C GLN B 85 -15.39 -7.41 8.80
N LEU B 86 -15.17 -6.92 7.59
CA LEU B 86 -14.92 -5.50 7.35
C LEU B 86 -16.22 -4.70 7.18
N LYS B 87 -16.24 -3.49 7.72
CA LYS B 87 -17.35 -2.57 7.44
C LYS B 87 -16.94 -1.58 6.36
N ALA B 88 -17.75 -1.49 5.30
CA ALA B 88 -17.39 -0.63 4.15
C ALA B 88 -17.14 0.81 4.61
N SER B 89 -17.96 1.28 5.56
CA SER B 89 -17.94 2.69 5.99
C SER B 89 -16.78 3.09 6.87
N THR B 90 -16.09 2.10 7.45
CA THR B 90 -14.95 2.39 8.30
C THR B 90 -13.64 1.86 7.69
N SER B 91 -13.39 0.57 7.84
CA SER B 91 -12.17 -0.01 7.29
C SER B 91 -12.14 0.01 5.77
N GLY B 92 -13.30 -0.18 5.13
CA GLY B 92 -13.38 -0.17 3.69
C GLY B 92 -12.98 1.20 3.18
N ARG B 93 -13.49 2.25 3.80
CA ARG B 93 -13.20 3.63 3.38
C ARG B 93 -11.73 3.97 3.59
N ASP B 94 -11.19 3.58 4.73
CA ASP B 94 -9.79 3.82 5.07
C ASP B 94 -8.86 3.12 4.11
N VAL B 95 -9.21 1.91 3.70
CA VAL B 95 -8.39 1.16 2.74
C VAL B 95 -8.47 1.79 1.34
N TYR B 96 -9.66 2.16 0.91
CA TYR B 96 -9.82 2.91 -0.34
C TYR B 96 -8.98 4.16 -0.32
N ARG B 97 -8.99 4.88 0.79
CA ARG B 97 -8.18 6.09 0.92
C ARG B 97 -6.71 5.78 0.74
N ARG B 98 -6.28 4.70 1.36
CA ARG B 98 -4.87 4.31 1.36
C ARG B 98 -4.41 3.95 -0.07
N MET B 99 -5.34 3.41 -0.86
N MET B 99 -5.31 3.37 -0.86
CA MET B 99 -5.06 3.04 -2.24
CA MET B 99 -4.99 3.03 -2.22
C MET B 99 -5.04 4.27 -3.11
C MET B 99 -5.08 4.26 -3.13
N GLY B 100 -5.62 5.35 -2.61
CA GLY B 100 -5.77 6.57 -3.37
C GLY B 100 -7.12 6.70 -4.08
N TRP B 101 -8.14 6.05 -3.53
CA TRP B 101 -9.44 5.98 -4.18
C TRP B 101 -10.53 6.72 -3.40
N SER B 102 -11.54 7.18 -4.12
CA SER B 102 -12.73 7.74 -3.49
C SER B 102 -13.73 6.62 -3.15
N GLY B 103 -14.62 6.90 -2.20
CA GLY B 103 -15.69 6.00 -1.86
C GLY B 103 -15.29 4.78 -1.04
N GLU B 104 -16.11 3.76 -1.15
CA GLU B 104 -16.04 2.61 -0.29
C GLU B 104 -16.29 1.39 -1.13
N PRO B 105 -15.76 0.25 -0.69
CA PRO B 105 -16.04 -0.99 -1.41
C PRO B 105 -17.52 -1.37 -1.34
N THR B 106 -17.96 -2.13 -2.34
CA THR B 106 -19.31 -2.66 -2.35
C THR B 106 -19.40 -3.85 -1.41
N THR B 107 -20.62 -4.21 -1.04
CA THR B 107 -20.83 -5.42 -0.27
C THR B 107 -20.35 -6.66 -1.06
N SER B 108 -20.58 -6.69 -2.37
CA SER B 108 -20.07 -7.76 -3.25
C SER B 108 -18.55 -7.88 -3.23
N GLU B 109 -17.84 -6.76 -3.27
CA GLU B 109 -16.38 -6.84 -3.15
C GLU B 109 -15.92 -7.38 -1.78
N LEU B 110 -16.53 -6.89 -0.70
CA LEU B 110 -16.17 -7.35 0.63
C LEU B 110 -16.49 -8.83 0.84
N LYS B 111 -17.44 -9.37 0.09
CA LYS B 111 -17.78 -10.76 0.28
C LYS B 111 -16.78 -11.67 -0.41
N ASN B 112 -16.12 -11.17 -1.44
CA ASN B 112 -15.11 -11.95 -2.17
C ASN B 112 -13.95 -12.27 -1.25
N PRO B 113 -13.61 -13.57 -1.09
CA PRO B 113 -12.56 -13.95 -0.14
C PRO B 113 -11.21 -13.22 -0.36
N GLU B 114 -10.73 -13.22 -1.60
CA GLU B 114 -9.46 -12.63 -1.92
CA GLU B 114 -9.44 -12.61 -1.90
C GLU B 114 -9.45 -11.11 -1.64
N ARG B 115 -10.46 -10.42 -2.10
CA ARG B 115 -10.54 -8.98 -1.86
C ARG B 115 -10.76 -8.66 -0.38
N ASN B 116 -11.52 -9.52 0.31
CA ASN B 116 -11.76 -9.35 1.74
C ASN B 116 -10.49 -9.43 2.55
N ILE B 117 -9.72 -10.49 2.34
CA ILE B 117 -8.50 -10.69 3.12
C ILE B 117 -7.44 -9.62 2.79
N SER B 118 -7.29 -9.31 1.50
CA SER B 118 -6.34 -8.30 1.13
C SER B 118 -6.67 -6.97 1.80
N MET B 119 -7.95 -6.64 1.85
CA MET B 119 -8.34 -5.39 2.49
C MET B 119 -8.19 -5.44 4.02
N GLY B 120 -8.48 -6.58 4.63
CA GLY B 120 -8.26 -6.71 6.07
C GLY B 120 -6.78 -6.57 6.43
N ALA B 121 -5.92 -7.15 5.60
CA ALA B 121 -4.50 -7.05 5.78
C ALA B 121 -4.02 -5.58 5.66
N ALA B 122 -4.56 -4.90 4.65
CA ALA B 122 -4.27 -3.48 4.41
C ALA B 122 -4.72 -2.66 5.61
N TYR B 123 -5.89 -2.98 6.15
CA TYR B 123 -6.38 -2.25 7.32
C TYR B 123 -5.44 -2.43 8.54
N LEU B 124 -4.93 -3.63 8.77
CA LEU B 124 -3.96 -3.86 9.85
C LEU B 124 -2.73 -3.01 9.59
N ASN B 125 -2.26 -2.94 8.33
CA ASN B 125 -1.07 -2.15 8.05
C ASN B 125 -1.29 -0.65 8.27
N ILE B 126 -2.47 -0.19 7.86
CA ILE B 126 -2.90 1.18 8.09
C ILE B 126 -2.95 1.52 9.58
N LEU B 127 -3.49 0.61 10.38
CA LEU B 127 -3.52 0.80 11.83
C LEU B 127 -2.09 0.87 12.37
N GLU B 128 -1.22 0.02 11.88
CA GLU B 128 0.15 -0.05 12.40
C GLU B 128 0.91 1.22 12.09
N THR B 129 0.71 1.73 10.88
CA THR B 129 1.49 2.87 10.42
C THR B 129 0.85 4.21 10.77
N GLY B 130 -0.41 4.17 11.19
CA GLY B 130 -1.13 5.40 11.48
C GLY B 130 -1.33 5.60 12.96
N PRO B 131 -2.55 5.35 13.46
CA PRO B 131 -2.85 5.59 14.87
C PRO B 131 -1.92 4.84 15.85
N LEU B 132 -1.50 3.62 15.54
CA LEU B 132 -0.72 2.84 16.50
C LEU B 132 0.78 2.98 16.30
N ALA B 133 1.21 3.90 15.43
CA ALA B 133 2.63 4.04 15.12
C ALA B 133 3.40 4.41 16.36
N GLY B 134 4.51 3.74 16.60
CA GLY B 134 5.35 4.06 17.74
C GLY B 134 5.28 3.04 18.85
N ILE B 135 4.39 2.06 18.75
CA ILE B 135 4.30 1.05 19.80
C ILE B 135 5.50 0.11 19.70
N GLU B 136 6.26 0.00 20.78
CA GLU B 136 7.57 -0.66 20.77
C GLU B 136 7.54 -2.18 20.93
N ASP B 137 6.82 -2.66 21.95
CA ASP B 137 6.73 -4.09 22.23
C ASP B 137 5.92 -4.80 21.14
N PRO B 138 6.47 -5.87 20.56
CA PRO B 138 5.73 -6.54 19.48
C PRO B 138 4.42 -7.21 19.94
N LYS B 139 4.40 -7.76 21.16
CA LYS B 139 3.19 -8.38 21.70
C LYS B 139 2.13 -7.33 22.07
N VAL B 140 2.55 -6.22 22.67
CA VAL B 140 1.61 -5.12 22.95
C VAL B 140 1.01 -4.63 21.63
N LEU B 141 1.86 -4.45 20.61
CA LEU B 141 1.38 -4.01 19.31
C LEU B 141 0.36 -4.99 18.75
N GLN B 142 0.62 -6.28 18.87
CA GLN B 142 -0.32 -7.26 18.37
C GLN B 142 -1.68 -7.06 19.04
N TYR B 143 -1.66 -6.94 20.37
CA TYR B 143 -2.87 -6.75 21.14
C TYR B 143 -3.56 -5.43 20.76
N ALA B 144 -2.79 -4.36 20.58
CA ALA B 144 -3.36 -3.07 20.14
C ALA B 144 -3.98 -3.18 18.75
N LEU B 145 -3.35 -3.91 17.85
CA LEU B 145 -3.89 -4.10 16.52
C LEU B 145 -5.23 -4.80 16.60
N VAL B 146 -5.32 -5.86 17.40
CA VAL B 146 -6.55 -6.65 17.37
C VAL B 146 -7.70 -5.86 18.01
N VAL B 147 -7.43 -5.17 19.11
CA VAL B 147 -8.46 -4.37 19.76
C VAL B 147 -8.91 -3.14 18.92
N SER B 148 -7.95 -2.53 18.20
CA SER B 148 -8.26 -1.43 17.27
C SER B 148 -9.02 -1.93 16.05
N TYR B 149 -8.61 -3.10 15.56
CA TYR B 149 -9.28 -3.70 14.41
C TYR B 149 -10.75 -3.95 14.75
N ALA B 150 -10.96 -4.52 15.92
CA ALA B 150 -12.30 -4.96 16.32
C ALA B 150 -13.20 -3.82 16.84
N ASN B 151 -12.61 -2.86 17.56
CA ASN B 151 -13.39 -1.82 18.21
C ASN B 151 -12.93 -0.39 17.89
N GLY B 152 -11.93 -0.29 17.03
CA GLY B 152 -11.48 1.00 16.55
C GLY B 152 -10.25 1.48 17.26
N ALA B 153 -9.32 2.06 16.51
CA ALA B 153 -8.10 2.63 17.13
C ALA B 153 -8.43 3.83 18.03
N GLY B 154 -9.38 4.65 17.61
CA GLY B 154 -9.77 5.81 18.39
C GLY B 154 -10.25 5.44 19.78
N ALA B 155 -11.11 4.43 19.87
CA ALA B 155 -11.60 3.97 21.18
C ALA B 155 -10.47 3.50 22.05
N LEU B 156 -9.53 2.77 21.46
CA LEU B 156 -8.41 2.25 22.24
C LEU B 156 -7.58 3.40 22.80
N LEU B 157 -7.17 4.32 21.93
CA LEU B 157 -6.29 5.40 22.34
C LEU B 157 -6.92 6.25 23.43
N ARG B 158 -8.23 6.48 23.33
CA ARG B 158 -8.92 7.30 24.31
C ARG B 158 -8.93 6.71 25.70
N THR B 159 -8.71 5.41 25.85
CA THR B 159 -8.62 4.83 27.20
C THR B 159 -7.32 5.25 27.86
N PHE B 160 -6.39 5.82 27.08
CA PHE B 160 -5.12 6.33 27.61
C PHE B 160 -5.02 7.85 27.60
N SER B 161 -5.38 8.49 26.50
CA SER B 161 -5.26 9.93 26.40
C SER B 161 -6.09 10.48 25.25
N SER B 162 -6.46 11.75 25.36
CA SER B 162 -7.14 12.43 24.25
C SER B 162 -6.12 12.80 23.19
N ASP B 163 -4.85 12.82 23.58
CA ASP B 163 -3.74 13.12 22.70
C ASP B 163 -3.13 11.82 22.17
N ARG B 164 -3.00 11.68 20.85
CA ARG B 164 -2.50 10.45 20.24
C ARG B 164 -1.07 10.07 20.65
N LYS B 165 -0.16 11.03 20.67
CA LYS B 165 1.24 10.78 21.05
C LYS B 165 1.40 10.39 22.51
N LYS B 166 0.62 11.05 23.36
CA LYS B 166 0.66 10.74 24.78
C LYS B 166 0.07 9.37 25.07
N ALA B 167 -1.00 8.99 24.36
CA ALA B 167 -1.57 7.66 24.52
C ALA B 167 -0.53 6.58 24.22
N ILE B 168 0.20 6.78 23.13
CA ILE B 168 1.20 5.80 22.69
C ILE B 168 2.32 5.70 23.72
N SER B 169 2.72 6.84 24.25
CA SER B 169 3.69 6.87 25.34
C SER B 169 3.19 6.06 26.55
N LYS B 170 1.93 6.26 26.93
CA LYS B 170 1.36 5.50 28.06
C LYS B 170 1.29 3.99 27.75
N ILE B 171 0.96 3.65 26.52
CA ILE B 171 0.93 2.27 26.10
C ILE B 171 2.31 1.64 26.23
N ASN B 172 3.33 2.39 25.87
CA ASN B 172 4.70 1.89 25.87
C ASN B 172 5.25 1.66 27.28
N ASP B 173 4.54 2.15 28.27
CA ASP B 173 4.90 1.94 29.67
C ASP B 173 4.51 0.54 30.15
N LEU B 174 3.66 -0.13 29.38
CA LEU B 174 3.04 -1.39 29.79
C LEU B 174 3.56 -2.62 29.06
N ASP B 175 3.51 -3.78 29.72
CA ASP B 175 3.68 -5.02 28.97
C ASP B 175 2.33 -5.54 28.50
N ALA B 176 2.36 -6.61 27.73
CA ALA B 176 1.15 -7.08 27.07
C ALA B 176 0.11 -7.48 28.10
N ASP B 177 0.53 -8.05 29.23
CA ASP B 177 -0.44 -8.46 30.24
C ASP B 177 -1.10 -7.21 30.88
N GLU B 178 -0.28 -6.19 31.16
CA GLU B 178 -0.77 -4.91 31.67
C GLU B 178 -1.66 -4.20 30.64
N PHE B 179 -1.28 -4.28 29.38
CA PHE B 179 -2.08 -3.67 28.34
C PHE B 179 -3.48 -4.28 28.32
N LEU B 180 -3.56 -5.61 28.41
CA LEU B 180 -4.85 -6.30 28.38
C LEU B 180 -5.69 -5.85 29.59
N GLU B 181 -5.03 -5.78 30.75
CA GLU B 181 -5.67 -5.38 31.99
C GLU B 181 -6.23 -3.95 31.83
N HIS B 182 -5.47 -3.07 31.17
CA HIS B 182 -5.91 -1.69 31.00
C HIS B 182 -7.17 -1.60 30.12
N VAL B 183 -7.19 -2.39 29.05
CA VAL B 183 -8.33 -2.45 28.14
C VAL B 183 -9.58 -2.93 28.88
N ALA B 184 -9.46 -4.05 29.57
CA ALA B 184 -10.56 -4.61 30.36
C ALA B 184 -11.06 -3.63 31.43
N ARG B 185 -10.18 -2.83 31.98
CA ARG B 185 -10.60 -1.93 33.03
C ARG B 185 -11.23 -0.65 32.53
N ASN B 186 -10.86 -0.20 31.34
CA ASN B 186 -11.22 1.13 30.87
C ASN B 186 -12.02 1.21 29.54
N HIS B 187 -11.90 0.20 28.68
CA HIS B 187 -12.58 0.24 27.38
C HIS B 187 -14.11 0.20 27.59
N PRO B 188 -14.81 1.17 27.02
CA PRO B 188 -16.25 1.24 27.20
C PRO B 188 -17.00 0.07 26.58
N ALA B 189 -16.44 -0.57 25.56
CA ALA B 189 -17.04 -1.76 24.96
C ALA B 189 -16.63 -3.04 25.70
N PRO B 190 -17.58 -3.70 26.36
CA PRO B 190 -17.23 -4.93 27.10
C PRO B 190 -16.53 -6.01 26.23
N GLN B 191 -16.81 -6.02 24.93
CA GLN B 191 -16.30 -7.08 24.08
C GLN B 191 -14.81 -6.93 23.77
N ALA B 192 -14.26 -5.74 23.98
CA ALA B 192 -12.87 -5.42 23.62
C ALA B 192 -11.77 -6.37 24.18
N PRO B 193 -11.74 -6.63 25.51
CA PRO B 193 -10.70 -7.54 26.00
C PRO B 193 -10.99 -9.01 25.65
N ARG B 194 -12.25 -9.34 25.39
CA ARG B 194 -12.63 -10.67 24.91
C ARG B 194 -11.95 -10.97 23.56
N TYR B 195 -11.75 -9.96 22.73
CA TYR B 195 -11.05 -10.18 21.45
C TYR B 195 -9.63 -10.67 21.70
N ILE B 196 -8.96 -10.14 22.71
CA ILE B 196 -7.62 -10.62 23.04
C ILE B 196 -7.66 -12.06 23.58
N TYR B 197 -8.63 -12.35 24.46
CA TYR B 197 -8.81 -13.71 24.95
C TYR B 197 -9.00 -14.67 23.76
N LYS B 198 -9.90 -14.32 22.83
CA LYS B 198 -10.13 -15.17 21.66
C LYS B 198 -8.89 -15.26 20.76
N LEU B 199 -8.19 -14.14 20.61
CA LEU B 199 -6.94 -14.18 19.85
C LEU B 199 -5.98 -15.26 20.39
N GLU B 200 -5.75 -15.29 21.70
CA GLU B 200 -4.79 -16.25 22.26
C GLU B 200 -5.29 -17.68 22.08
N GLN B 201 -6.60 -17.88 22.20
CA GLN B 201 -7.21 -19.17 21.94
C GLN B 201 -6.86 -19.61 20.53
N ALA B 202 -7.04 -18.69 19.56
CA ALA B 202 -6.74 -19.00 18.18
C ALA B 202 -5.26 -19.30 18.00
N LEU B 203 -4.38 -18.45 18.52
CA LEU B 203 -2.93 -18.69 18.34
C LEU B 203 -2.46 -20.02 18.95
N ASP B 204 -3.05 -20.41 20.08
CA ASP B 204 -2.73 -21.71 20.68
C ASP B 204 -3.20 -22.86 19.79
N ALA B 205 -4.20 -22.60 18.95
CA ALA B 205 -4.75 -23.62 18.04
C ALA B 205 -3.93 -23.82 16.78
N MET B 206 -2.93 -22.99 16.58
CA MET B 206 -2.15 -23.09 15.34
C MET B 206 -0.76 -23.63 15.61
#